data_6YSX
#
_entry.id   6YSX
#
_cell.length_a   70.676
_cell.length_b   71.420
_cell.length_c   72.525
_cell.angle_alpha   90.000
_cell.angle_beta   100.350
_cell.angle_gamma   90.000
#
_symmetry.space_group_name_H-M   'C 1 2 1'
#
loop_
_entity.id
_entity.type
_entity.pdbx_description
1 polymer Prothrombin
2 polymer Prothrombin
3 polymer 'Hirudin variant-2'
4 non-polymer 'SODIUM ION'
5 non-polymer 'DIMETHYL SULFOXIDE'
6 non-polymer 'PHOSPHATE ION'
7 non-polymer Sulfamethoxazole
8 non-polymer 2-acetamido-2-deoxy-beta-D-glucopyranose
9 water water
#
loop_
_entity_poly.entity_id
_entity_poly.type
_entity_poly.pdbx_seq_one_letter_code
_entity_poly.pdbx_strand_id
1 'polypeptide(L)' TFGSGEADCGLRPLFEKKSLEDKTERELLESYIDGR L
2 'polypeptide(L)'
;IVEGSDAEIGMSPWQVMLFRKSPQELLCGASLISDRWVLTAAHCLLYPPWDKNFTENDLLVRIGKHSRTRYERNIEKISM
LEKIYIHPRYNWRENLDRDIALMKLKKPVAFSDYIHPVCLPDRETAASLLQAGYKGRVTGWGNLKETWTANVGKGQPSVL
QVVNLPIVERPVCKDSTRIRITDNMFCAGYKPDEGKRGDACEGDSGGPFVMKSPFNNRWYQMGIVSWGEGCDRDGKYGFY
THVFRLKKWIQKVIDQFGE
;
H
3 'polypeptide(L)' GDFEEIPEE(TYS)LQ I
#
loop_
_chem_comp.id
_chem_comp.type
_chem_comp.name
_chem_comp.formula
08D non-polymer Sulfamethoxazole 'C10 H11 N3 O3 S'
DMS non-polymer 'DIMETHYL SULFOXIDE' 'C2 H6 O S'
NA non-polymer 'SODIUM ION' 'Na 1'
NAG D-saccharide, beta linking 2-acetamido-2-deoxy-beta-D-glucopyranose 'C8 H15 N O6'
PO4 non-polymer 'PHOSPHATE ION' 'O4 P -3'
#
# COMPACT_ATOMS: atom_id res chain seq x y z
N GLU A 6 -0.08 13.34 12.24
CA GLU A 6 0.20 13.88 10.88
C GLU A 6 1.39 14.82 10.94
N ALA A 7 1.53 15.58 12.04
CA ALA A 7 2.68 16.48 12.19
C ALA A 7 3.98 15.72 11.98
N ASP A 8 4.05 14.50 12.48
CA ASP A 8 5.23 13.65 12.44
C ASP A 8 5.14 12.58 11.33
N CYS A 9 4.20 12.73 10.42
CA CYS A 9 3.97 11.68 9.43
C CYS A 9 5.22 11.46 8.59
N GLY A 10 5.39 10.21 8.14
CA GLY A 10 6.41 9.92 7.16
C GLY A 10 7.84 9.93 7.64
N LEU A 11 8.07 10.04 8.94
CA LEU A 11 9.40 9.98 9.53
C LEU A 11 9.48 8.72 10.37
N ARG A 12 10.29 7.77 9.95
CA ARG A 12 10.29 6.45 10.58
C ARG A 12 11.13 6.45 11.85
N PRO A 13 10.61 5.94 12.97
CA PRO A 13 11.39 5.86 14.20
C PRO A 13 12.75 5.22 14.04
N LEU A 14 12.87 4.15 13.26
CA LEU A 14 14.15 3.44 13.17
C LEU A 14 15.03 3.94 12.03
N PHE A 15 14.59 4.95 11.29
CA PHE A 15 15.38 5.50 10.19
C PHE A 15 15.51 7.01 10.30
N GLU A 16 14.57 7.77 9.72
CA GLU A 16 14.71 9.21 9.74
C GLU A 16 14.89 9.79 11.14
N LYS A 17 14.13 9.27 12.13
N LYS A 17 14.11 9.28 12.12
CA LYS A 17 14.24 9.82 13.48
CA LYS A 17 14.14 9.88 13.45
C LYS A 17 15.61 9.60 14.10
C LYS A 17 15.51 9.78 14.09
N LYS A 18 16.35 8.59 13.65
N LYS A 18 16.31 8.77 13.70
CA LYS A 18 17.69 8.30 14.14
CA LYS A 18 17.65 8.55 14.24
C LYS A 18 18.76 8.75 13.17
C LYS A 18 18.73 8.71 13.16
N SER A 19 18.39 9.32 12.04
CA SER A 19 19.33 9.62 10.95
C SER A 19 20.06 8.38 10.45
N LEU A 20 19.32 7.28 10.29
CA LEU A 20 19.81 6.08 9.63
C LEU A 20 19.07 5.91 8.31
N GLU A 21 19.78 5.45 7.30
CA GLU A 21 19.20 5.23 5.98
C GLU A 21 18.96 3.74 5.79
N ASP A 22 17.86 3.41 5.11
CA ASP A 22 17.62 2.02 4.74
C ASP A 22 18.47 1.66 3.53
N LYS A 23 18.49 0.37 3.20
CA LYS A 23 19.46 -0.14 2.24
C LYS A 23 19.18 0.30 0.80
N THR A 24 17.96 0.75 0.47
CA THR A 24 17.68 1.10 -0.92
C THR A 24 17.04 2.46 -1.14
N GLU A 25 16.86 3.28 -0.10
CA GLU A 25 16.23 4.57 -0.33
C GLU A 25 17.08 5.44 -1.26
N ARG A 26 18.39 5.24 -1.29
CA ARG A 26 19.21 6.03 -2.19
C ARG A 26 18.83 5.80 -3.65
N GLU A 27 18.38 4.59 -3.99
CA GLU A 27 17.92 4.33 -5.36
C GLU A 27 16.77 5.27 -5.73
N LEU A 28 15.87 5.52 -4.79
CA LEU A 28 14.79 6.46 -5.04
C LEU A 28 15.34 7.87 -5.27
N LEU A 29 16.19 8.34 -4.35
CA LEU A 29 16.73 9.69 -4.47
C LEU A 29 17.43 9.88 -5.80
N GLU A 30 18.21 8.88 -6.22
CA GLU A 30 18.96 9.00 -7.47
C GLU A 30 18.06 9.09 -8.70
N SER A 31 16.83 8.62 -8.59
CA SER A 31 15.87 8.72 -9.69
C SER A 31 15.19 10.09 -9.76
N TYR A 32 15.29 10.90 -8.72
CA TYR A 32 14.58 12.19 -8.66
C TYR A 32 15.50 13.24 -9.29
N ILE A 33 15.56 13.22 -10.62
CA ILE A 33 16.55 13.99 -11.34
C ILE A 33 15.99 15.36 -11.68
N ILE B 1 4.89 -9.71 -3.63
CA ILE B 1 5.86 -8.92 -4.38
C ILE B 1 6.80 -9.86 -5.15
N VAL B 2 6.94 -9.62 -6.46
CA VAL B 2 7.81 -10.41 -7.33
C VAL B 2 9.14 -9.68 -7.48
N GLU B 3 10.24 -10.41 -7.32
CA GLU B 3 11.59 -9.89 -7.55
C GLU B 3 11.93 -8.74 -6.61
N GLY B 4 11.40 -8.78 -5.39
CA GLY B 4 11.77 -7.86 -4.35
C GLY B 4 12.75 -8.47 -3.36
N SER B 5 12.84 -7.86 -2.19
CA SER B 5 13.71 -8.37 -1.14
C SER B 5 13.04 -8.21 0.21
N ASP B 6 13.63 -8.83 1.24
CA ASP B 6 13.09 -8.73 2.58
C ASP B 6 13.18 -7.29 3.08
N ALA B 7 12.10 -6.79 3.67
CA ALA B 7 12.14 -5.49 4.30
C ALA B 7 13.07 -5.53 5.51
N GLU B 8 13.67 -4.37 5.82
CA GLU B 8 14.32 -4.18 7.10
C GLU B 8 13.28 -3.97 8.18
N ILE B 9 13.65 -4.27 9.43
CA ILE B 9 12.77 -4.01 10.55
C ILE B 9 12.46 -2.52 10.62
N GLY B 10 11.17 -2.18 10.71
CA GLY B 10 10.73 -0.79 10.80
C GLY B 10 10.86 0.00 9.53
N MET B 11 11.09 -0.67 8.39
CA MET B 11 11.30 0.04 7.13
C MET B 11 10.01 0.65 6.60
N SER B 12 8.86 0.06 6.93
CA SER B 12 7.55 0.48 6.41
C SER B 12 6.55 0.44 7.55
N PRO B 13 6.71 1.32 8.53
CA PRO B 13 5.94 1.20 9.78
C PRO B 13 4.47 1.59 9.62
N TRP B 14 4.09 2.10 8.44
CA TRP B 14 2.71 2.35 8.06
C TRP B 14 2.07 1.15 7.37
N GLN B 15 2.82 0.06 7.17
N GLN B 15 2.80 0.07 7.13
CA GLN B 15 2.26 -1.13 6.55
CA GLN B 15 2.22 -1.08 6.42
C GLN B 15 1.11 -1.67 7.40
C GLN B 15 1.20 -1.78 7.30
N VAL B 16 0.03 -2.06 6.74
CA VAL B 16 -1.08 -2.71 7.43
C VAL B 16 -1.45 -3.98 6.66
N MET B 17 -1.76 -5.03 7.40
CA MET B 17 -2.30 -6.27 6.84
C MET B 17 -3.80 -6.31 7.12
N LEU B 18 -4.58 -6.43 6.04
CA LEU B 18 -6.02 -6.69 6.16
C LEU B 18 -6.18 -8.20 6.31
N PHE B 19 -6.82 -8.63 7.40
CA PHE B 19 -6.83 -10.02 7.82
C PHE B 19 -8.27 -10.47 7.98
N ARG B 20 -8.62 -11.57 7.33
N ARG B 20 -8.62 -11.57 7.31
CA ARG B 20 -9.96 -12.13 7.46
CA ARG B 20 -9.95 -12.12 7.48
C ARG B 20 -10.03 -12.93 8.75
C ARG B 20 -10.02 -12.91 8.77
N LYS B 21 -11.12 -12.74 9.50
CA LYS B 21 -11.27 -13.42 10.78
C LYS B 21 -11.47 -14.93 10.61
N SER B 22 -12.28 -15.33 9.64
CA SER B 22 -12.63 -16.74 9.49
C SER B 22 -13.02 -17.04 8.06
N PRO B 23 -12.25 -17.87 7.34
CA PRO B 23 -10.99 -18.47 7.76
C PRO B 23 -9.92 -17.40 7.98
N GLN B 24 -9.00 -17.62 8.91
CA GLN B 24 -7.95 -16.65 9.18
C GLN B 24 -6.99 -16.63 7.99
N GLU B 25 -6.94 -15.50 7.26
CA GLU B 25 -6.10 -15.42 6.08
C GLU B 25 -5.82 -13.97 5.71
N LEU B 26 -4.72 -13.78 4.96
CA LEU B 26 -4.39 -12.46 4.43
C LEU B 26 -5.38 -12.11 3.34
N LEU B 27 -5.95 -10.91 3.42
CA LEU B 27 -6.85 -10.45 2.38
C LEU B 27 -6.19 -9.44 1.44
N CYS B 28 -5.37 -8.56 1.98
CA CYS B 28 -4.91 -7.41 1.21
C CYS B 28 -3.91 -6.66 2.08
N GLY B 29 -3.17 -5.75 1.43
CA GLY B 29 -2.43 -4.72 2.13
C GLY B 29 -3.26 -3.47 2.36
N ALA B 30 -2.68 -2.56 3.11
CA ALA B 30 -3.31 -1.30 3.51
C ALA B 30 -2.21 -0.45 4.15
N SER B 31 -2.57 0.78 4.52
CA SER B 31 -1.60 1.69 5.11
C SER B 31 -2.22 2.52 6.22
N LEU B 32 -1.37 2.89 7.18
CA LEU B 32 -1.77 3.69 8.33
C LEU B 32 -1.54 5.16 8.02
N ILE B 33 -2.60 5.97 8.05
CA ILE B 33 -2.48 7.40 7.77
C ILE B 33 -2.71 8.28 8.98
N SER B 34 -3.19 7.72 10.08
CA SER B 34 -3.32 8.44 11.35
C SER B 34 -3.51 7.36 12.42
N ASP B 35 -3.70 7.79 13.67
CA ASP B 35 -3.87 6.78 14.72
C ASP B 35 -5.21 6.05 14.62
N ARG B 36 -6.14 6.49 13.77
CA ARG B 36 -7.44 5.84 13.68
C ARG B 36 -7.92 5.55 12.26
N TRP B 37 -7.09 5.82 11.25
CA TRP B 37 -7.52 5.66 9.86
C TRP B 37 -6.52 4.85 9.05
N VAL B 38 -7.06 3.94 8.26
CA VAL B 38 -6.30 3.04 7.41
C VAL B 38 -6.84 3.18 5.99
N LEU B 39 -5.94 3.27 5.03
CA LEU B 39 -6.25 3.45 3.63
C LEU B 39 -5.98 2.14 2.88
N THR B 40 -6.88 1.78 1.96
CA THR B 40 -6.71 0.58 1.16
C THR B 40 -7.39 0.78 -0.20
N ALA B 41 -7.39 -0.28 -1.00
CA ALA B 41 -8.13 -0.30 -2.25
C ALA B 41 -9.56 -0.75 -2.01
N ALA B 42 -10.50 -0.09 -2.68
CA ALA B 42 -11.90 -0.48 -2.57
C ALA B 42 -12.12 -1.93 -2.96
N HIS B 43 -11.39 -2.43 -3.97
CA HIS B 43 -11.63 -3.79 -4.44
C HIS B 43 -11.24 -4.84 -3.41
N CYS B 44 -10.44 -4.46 -2.41
CA CYS B 44 -10.12 -5.35 -1.30
C CYS B 44 -11.32 -5.64 -0.43
N LEU B 45 -12.32 -4.76 -0.46
CA LEU B 45 -13.50 -4.88 0.36
C LEU B 45 -14.76 -5.15 -0.44
N LEU B 46 -14.84 -4.65 -1.67
CA LEU B 46 -16.05 -4.73 -2.47
C LEU B 46 -15.69 -5.05 -3.91
N TYR B 47 -16.08 -6.23 -4.35
CA TYR B 47 -15.88 -6.65 -5.74
C TYR B 47 -16.98 -7.63 -6.12
N PRO B 48 -18.14 -7.13 -6.52
CA PRO B 48 -19.31 -7.98 -6.74
C PRO B 48 -19.10 -9.06 -7.78
N PRO B 49 -18.26 -8.85 -8.81
CA PRO B 49 -18.09 -9.94 -9.79
C PRO B 49 -17.65 -11.24 -9.14
N TRP B 50 -16.95 -11.16 -8.00
CA TRP B 50 -16.46 -12.32 -7.27
C TRP B 50 -17.16 -12.51 -5.93
N ASP B 51 -18.35 -11.93 -5.79
CA ASP B 51 -19.15 -12.08 -4.57
C ASP B 51 -18.38 -11.63 -3.34
N LYS B 52 -17.60 -10.58 -3.48
CA LYS B 52 -16.84 -9.99 -2.38
C LYS B 52 -17.55 -8.74 -1.89
N ASN B 53 -17.95 -8.74 -0.62
CA ASN B 53 -18.58 -7.58 0.01
C ASN B 53 -18.40 -7.71 1.50
N PHE B 54 -17.20 -7.39 2.00
CA PHE B 54 -16.91 -7.58 3.40
C PHE B 54 -17.55 -6.49 4.23
N THR B 55 -18.00 -6.86 5.43
CA THR B 55 -18.50 -5.92 6.42
C THR B 55 -17.43 -5.72 7.48
N GLU B 56 -17.64 -4.69 8.31
CA GLU B 56 -16.64 -4.37 9.33
C GLU B 56 -16.31 -5.59 10.20
N ASN B 57 -17.32 -6.37 10.57
CA ASN B 57 -17.08 -7.44 11.52
C ASN B 57 -16.38 -8.64 10.89
N ASP B 58 -16.20 -8.65 9.58
CA ASP B 58 -15.53 -9.77 8.93
C ASP B 58 -14.01 -9.72 9.05
N LEU B 59 -13.47 -8.55 9.41
CA LEU B 59 -12.07 -8.27 9.16
C LEU B 59 -11.39 -7.72 10.41
N LEU B 60 -10.07 -7.87 10.42
CA LEU B 60 -9.21 -7.18 11.37
C LEU B 60 -8.08 -6.51 10.59
N VAL B 61 -7.47 -5.49 11.19
CA VAL B 61 -6.24 -4.94 10.65
C VAL B 61 -5.11 -5.25 11.62
N ARG B 62 -3.98 -5.67 11.07
CA ARG B 62 -2.79 -6.01 11.86
C ARG B 62 -1.69 -5.02 11.48
N ILE B 63 -1.19 -4.29 12.46
CA ILE B 63 -0.29 -3.17 12.26
C ILE B 63 1.02 -3.46 12.97
N GLY B 64 2.13 -3.00 12.39
CA GLY B 64 3.44 -3.22 12.97
C GLY B 64 4.08 -4.55 12.63
N LYS B 65 3.58 -5.24 11.61
CA LYS B 65 4.03 -6.58 11.33
C LYS B 65 5.27 -6.61 10.44
N HIS B 66 5.97 -7.73 10.53
CA HIS B 66 7.11 -8.03 9.68
C HIS B 66 6.91 -9.44 9.12
N SER B 67 6.85 -10.42 10.01
CA SER B 67 6.53 -11.78 9.60
C SER B 67 5.13 -11.84 9.00
N ARG B 68 4.99 -12.63 7.92
CA ARG B 68 3.68 -12.79 7.30
C ARG B 68 2.73 -13.59 8.21
N THR B 69 3.16 -14.77 8.67
CA THR B 69 2.23 -15.70 9.29
C THR B 69 2.29 -15.74 10.81
N ARG B 70 3.36 -15.24 11.43
N ARG B 70 3.32 -15.22 11.44
CA ARG B 70 3.50 -15.31 12.88
CA ARG B 70 3.45 -15.38 12.88
C ARG B 70 2.60 -14.28 13.56
C ARG B 70 2.73 -14.26 13.62
N TYR B 71 2.19 -14.59 14.79
CA TYR B 71 1.62 -13.60 15.68
C TYR B 71 2.78 -12.96 16.43
N GLU B 72 3.04 -11.68 16.12
CA GLU B 72 4.27 -11.01 16.56
C GLU B 72 4.01 -10.34 17.91
N ARG B 73 4.04 -11.18 18.92
CA ARG B 73 3.73 -10.80 20.28
C ARG B 73 4.62 -9.64 20.72
N ASN B 74 4.00 -8.65 21.36
CA ASN B 74 4.63 -7.44 21.89
C ASN B 74 5.07 -6.44 20.81
N ILE B 75 4.76 -6.70 19.54
CA ILE B 75 5.20 -5.87 18.44
C ILE B 75 4.01 -5.43 17.60
N GLU B 76 3.33 -6.39 16.98
CA GLU B 76 2.17 -6.02 16.20
C GLU B 76 1.00 -5.66 17.11
N LYS B 77 0.08 -4.89 16.56
CA LYS B 77 -1.17 -4.55 17.21
C LYS B 77 -2.32 -4.87 16.26
N ILE B 78 -3.39 -5.43 16.81
CA ILE B 78 -4.54 -5.88 16.04
C ILE B 78 -5.73 -5.02 16.42
N SER B 79 -6.37 -4.42 15.41
CA SER B 79 -7.45 -3.47 15.60
C SER B 79 -8.71 -3.95 14.91
N MET B 80 -9.85 -3.70 15.53
CA MET B 80 -11.15 -3.93 14.94
C MET B 80 -11.60 -2.69 14.19
N LEU B 81 -12.49 -2.89 13.22
CA LEU B 81 -12.97 -1.82 12.36
C LEU B 81 -14.25 -1.22 12.92
N GLU B 82 -14.30 0.11 12.99
CA GLU B 82 -15.55 0.80 13.31
C GLU B 82 -16.42 0.96 12.08
N LYS B 83 -15.84 1.43 10.97
CA LYS B 83 -16.63 1.68 9.76
C LYS B 83 -15.74 1.67 8.52
N ILE B 84 -16.27 1.10 7.44
CA ILE B 84 -15.67 1.12 6.11
C ILE B 84 -16.34 2.23 5.29
N TYR B 85 -15.53 2.95 4.52
CA TYR B 85 -16.02 3.96 3.57
C TYR B 85 -15.41 3.69 2.20
N ILE B 86 -16.25 3.40 1.22
N ILE B 86 -16.26 3.36 1.23
CA ILE B 86 -15.80 3.14 -0.14
CA ILE B 86 -15.86 3.13 -0.16
C ILE B 86 -16.13 4.35 -0.99
C ILE B 86 -16.10 4.41 -0.93
N HIS B 87 -15.21 4.74 -1.87
CA HIS B 87 -15.44 5.88 -2.73
C HIS B 87 -16.77 5.71 -3.45
N PRO B 88 -17.64 6.73 -3.45
CA PRO B 88 -18.99 6.55 -4.05
C PRO B 88 -18.99 6.36 -5.55
N ARG B 89 -17.90 6.72 -6.22
CA ARG B 89 -17.77 6.52 -7.66
C ARG B 89 -16.71 5.48 -8.00
N TYR B 90 -16.36 4.61 -7.05
CA TYR B 90 -15.53 3.44 -7.35
C TYR B 90 -16.20 2.61 -8.44
N ASN B 91 -15.48 2.38 -9.53
CA ASN B 91 -16.05 1.72 -10.72
C ASN B 91 -15.62 0.26 -10.76
N TRP B 92 -16.31 -0.56 -9.98
CA TRP B 92 -16.05 -1.99 -10.00
C TRP B 92 -16.63 -2.67 -11.23
N ARG B 93 -17.53 -1.99 -11.94
N ARG B 93 -17.53 -1.99 -11.94
CA ARG B 93 -18.17 -2.60 -13.10
CA ARG B 93 -18.15 -2.61 -13.11
C ARG B 93 -17.23 -2.69 -14.29
C ARG B 93 -17.19 -2.71 -14.28
N GLU B 94 -16.32 -1.71 -14.44
CA GLU B 94 -15.50 -1.62 -15.63
C GLU B 94 -14.02 -1.80 -15.34
N ASN B 95 -13.36 -0.75 -14.85
CA ASN B 95 -11.90 -0.69 -14.85
C ASN B 95 -11.28 -0.37 -13.51
N LEU B 96 -12.05 -0.42 -12.42
CA LEU B 96 -11.58 -0.11 -11.07
C LEU B 96 -11.16 1.36 -10.92
N ASP B 97 -11.76 2.25 -11.70
CA ASP B 97 -11.54 3.67 -11.48
C ASP B 97 -11.91 4.05 -10.05
N ARG B 98 -11.06 4.88 -9.43
CA ARG B 98 -11.27 5.37 -8.07
C ARG B 98 -11.28 4.23 -7.06
N ASP B 99 -10.23 3.40 -7.14
CA ASP B 99 -10.09 2.19 -6.34
C ASP B 99 -9.49 2.57 -4.99
N ILE B 100 -10.35 3.07 -4.10
CA ILE B 100 -9.90 3.63 -2.83
C ILE B 100 -10.98 3.44 -1.78
N ALA B 101 -10.54 3.14 -0.55
CA ALA B 101 -11.43 2.99 0.59
C ALA B 101 -10.69 3.36 1.86
N LEU B 102 -11.45 3.81 2.85
CA LEU B 102 -10.94 4.14 4.17
C LEU B 102 -11.59 3.22 5.20
N MET B 103 -10.81 2.88 6.23
CA MET B 103 -11.31 2.12 7.37
C MET B 103 -10.98 2.89 8.63
N LYS B 104 -12.02 3.19 9.42
CA LYS B 104 -11.83 3.83 10.71
C LYS B 104 -11.76 2.75 11.79
N LEU B 105 -10.74 2.83 12.64
CA LEU B 105 -10.55 1.84 13.69
C LEU B 105 -11.42 2.14 14.89
N LYS B 106 -11.77 1.09 15.63
CA LYS B 106 -12.62 1.27 16.80
C LYS B 106 -11.91 2.09 17.88
N LYS B 107 -10.60 1.91 18.03
CA LYS B 107 -9.80 2.61 19.03
C LYS B 107 -8.52 3.04 18.37
N PRO B 108 -7.91 4.14 18.82
CA PRO B 108 -6.62 4.54 18.25
C PRO B 108 -5.53 3.52 18.55
N VAL B 109 -4.62 3.34 17.57
CA VAL B 109 -3.49 2.45 17.75
C VAL B 109 -2.33 3.25 18.32
N ALA B 110 -1.57 2.62 19.22
CA ALA B 110 -0.41 3.25 19.81
C ALA B 110 0.78 3.20 18.84
N PHE B 111 1.38 4.36 18.59
CA PHE B 111 2.57 4.39 17.75
C PHE B 111 3.76 3.80 18.53
N SER B 112 4.74 3.31 17.76
CA SER B 112 5.90 2.65 18.32
C SER B 112 7.00 2.69 17.27
N ASP B 113 8.14 2.02 17.55
CA ASP B 113 9.19 1.92 16.55
C ASP B 113 8.70 1.22 15.28
N TYR B 114 7.64 0.41 15.38
CA TYR B 114 7.15 -0.44 14.31
C TYR B 114 5.85 0.05 13.70
N ILE B 115 5.24 1.08 14.29
CA ILE B 115 3.91 1.55 13.93
C ILE B 115 3.97 3.07 13.84
N HIS B 116 3.77 3.61 12.63
CA HIS B 116 3.88 5.06 12.45
C HIS B 116 3.21 5.42 11.13
N PRO B 117 2.48 6.54 11.05
CA PRO B 117 1.75 6.84 9.82
C PRO B 117 2.60 7.44 8.71
N VAL B 118 2.16 7.18 7.48
CA VAL B 118 2.72 7.79 6.29
C VAL B 118 2.00 9.10 6.01
N CYS B 119 2.66 10.01 5.30
CA CYS B 119 2.01 11.24 4.90
C CYS B 119 1.21 11.04 3.60
N LEU B 120 0.15 11.85 3.46
CA LEU B 120 -0.53 11.94 2.18
C LEU B 120 -0.05 13.17 1.43
N PRO B 121 0.08 13.08 0.11
CA PRO B 121 0.70 14.18 -0.64
C PRO B 121 -0.18 15.41 -0.76
N ASP B 122 0.47 16.56 -0.71
CA ASP B 122 -0.09 17.82 -1.15
C ASP B 122 0.08 17.95 -2.66
N ARG B 123 -0.58 18.98 -3.24
CA ARG B 123 -0.53 19.16 -4.69
C ARG B 123 0.89 19.36 -5.19
N GLU B 124 1.69 20.12 -4.44
CA GLU B 124 3.05 20.43 -4.90
C GLU B 124 3.95 19.20 -4.85
N THR B 125 3.88 18.41 -3.78
CA THR B 125 4.68 17.19 -3.72
C THR B 125 4.26 16.23 -4.84
N ALA B 126 2.96 16.10 -5.10
CA ALA B 126 2.51 15.23 -6.19
C ALA B 126 3.04 15.72 -7.52
N ALA B 127 2.91 17.03 -7.79
CA ALA B 127 3.36 17.54 -9.07
C ALA B 127 4.86 17.31 -9.24
N SER B 128 5.63 17.48 -8.16
N SER B 128 5.62 17.48 -8.15
CA SER B 128 7.08 17.36 -8.28
CA SER B 128 7.07 17.37 -8.23
C SER B 128 7.51 15.91 -8.46
C SER B 128 7.53 15.93 -8.43
N LEU B 129 6.86 14.97 -7.78
CA LEU B 129 7.38 13.61 -7.72
C LEU B 129 6.72 12.64 -8.68
N LEU B 130 5.51 12.91 -9.16
CA LEU B 130 4.81 11.98 -10.04
C LEU B 130 5.23 12.21 -11.49
N GLN B 131 6.46 11.82 -11.77
CA GLN B 131 7.06 12.01 -13.08
C GLN B 131 7.63 10.70 -13.56
N ALA B 132 7.53 10.46 -14.87
CA ALA B 132 8.06 9.23 -15.43
C ALA B 132 9.55 9.09 -15.12
N GLY B 133 9.95 7.89 -14.72
CA GLY B 133 11.31 7.61 -14.33
C GLY B 133 11.59 7.72 -12.84
N TYR B 134 10.82 8.56 -12.14
CA TYR B 134 10.97 8.66 -10.70
C TYR B 134 10.49 7.38 -10.04
N LYS B 135 11.22 6.90 -9.05
CA LYS B 135 10.91 5.61 -8.44
C LYS B 135 10.15 5.78 -7.14
N GLY B 136 9.20 4.88 -6.93
CA GLY B 136 8.56 4.69 -5.64
C GLY B 136 8.80 3.28 -5.17
N ARG B 137 8.23 2.99 -4.00
CA ARG B 137 8.47 1.74 -3.31
C ARG B 137 7.15 1.08 -2.99
N VAL B 138 7.07 -0.21 -3.28
CA VAL B 138 5.89 -1.02 -3.02
C VAL B 138 6.26 -2.12 -2.03
N THR B 139 5.38 -2.36 -1.07
CA THR B 139 5.62 -3.34 -0.02
C THR B 139 4.39 -4.22 0.16
N GLY B 140 4.63 -5.47 0.56
CA GLY B 140 3.51 -6.33 0.86
C GLY B 140 3.93 -7.76 1.14
N TRP B 141 2.95 -8.56 1.55
CA TRP B 141 3.12 -9.97 1.86
C TRP B 141 2.53 -10.88 0.80
N GLY B 142 2.26 -10.35 -0.39
CA GLY B 142 1.66 -11.11 -1.45
C GLY B 142 2.62 -12.10 -2.06
N ASN B 143 2.10 -12.83 -3.04
CA ASN B 143 2.85 -13.93 -3.61
C ASN B 143 4.12 -13.44 -4.29
N LEU B 144 5.12 -14.33 -4.32
CA LEU B 144 6.41 -14.06 -4.90
C LEU B 144 6.45 -14.30 -6.40
N LYS B 145 5.42 -14.93 -6.95
CA LYS B 145 5.37 -15.29 -8.36
C LYS B 145 3.92 -15.36 -8.81
N GLU B 146 3.69 -15.12 -10.09
CA GLU B 146 2.33 -15.19 -10.61
C GLU B 146 1.76 -16.59 -10.46
N THR B 147 2.58 -17.60 -10.71
CA THR B 147 2.16 -18.98 -10.51
C THR B 147 3.33 -19.84 -10.05
N GLY B 155 6.67 -19.73 -3.05
CA GLY B 155 5.39 -19.12 -3.40
C GLY B 155 5.05 -17.89 -2.58
N GLN B 156 5.13 -18.01 -1.26
CA GLN B 156 4.71 -16.94 -0.36
C GLN B 156 5.82 -16.59 0.60
N PRO B 157 5.94 -15.33 0.98
CA PRO B 157 7.12 -14.88 1.73
C PRO B 157 7.01 -15.14 3.22
N SER B 158 8.18 -15.35 3.84
CA SER B 158 8.27 -15.40 5.29
C SER B 158 8.04 -14.04 5.92
N VAL B 159 8.60 -12.98 5.33
CA VAL B 159 8.49 -11.64 5.88
C VAL B 159 8.12 -10.65 4.78
N LEU B 160 7.75 -9.44 5.22
CA LEU B 160 7.37 -8.37 4.33
C LEU B 160 8.43 -8.16 3.24
N GLN B 161 7.95 -8.00 2.00
CA GLN B 161 8.79 -7.77 0.84
C GLN B 161 8.72 -6.33 0.36
N VAL B 162 9.80 -5.88 -0.29
N VAL B 162 9.79 -5.90 -0.30
CA VAL B 162 9.92 -4.49 -0.75
CA VAL B 162 9.94 -4.53 -0.76
C VAL B 162 10.56 -4.49 -2.14
C VAL B 162 10.48 -4.57 -2.19
N VAL B 163 10.03 -3.63 -3.02
CA VAL B 163 10.60 -3.43 -4.35
C VAL B 163 10.43 -1.97 -4.74
N ASN B 164 11.46 -1.40 -5.35
CA ASN B 164 11.40 -0.05 -5.87
C ASN B 164 11.16 -0.11 -7.38
N LEU B 165 10.25 0.72 -7.87
CA LEU B 165 9.82 0.66 -9.27
C LEU B 165 9.62 2.06 -9.84
N PRO B 166 10.00 2.27 -11.10
CA PRO B 166 9.84 3.59 -11.70
C PRO B 166 8.44 3.83 -12.25
N ILE B 167 7.96 5.08 -12.08
CA ILE B 167 6.74 5.52 -12.72
C ILE B 167 6.94 5.52 -14.24
N VAL B 168 5.91 5.15 -14.96
CA VAL B 168 5.98 4.99 -16.41
C VAL B 168 5.16 6.07 -17.09
N GLU B 169 5.65 6.50 -18.26
CA GLU B 169 4.97 7.49 -19.08
C GLU B 169 3.55 7.04 -19.40
N ARG B 170 2.60 7.98 -19.33
CA ARG B 170 1.19 7.59 -19.51
C ARG B 170 0.91 6.91 -20.86
N PRO B 171 1.47 7.36 -21.99
CA PRO B 171 1.21 6.62 -23.24
C PRO B 171 1.67 5.19 -23.20
N VAL B 172 2.79 4.91 -22.53
CA VAL B 172 3.27 3.52 -22.42
C VAL B 172 2.32 2.71 -21.55
N CYS B 173 1.86 3.28 -20.44
CA CYS B 173 0.85 2.62 -19.63
C CYS B 173 -0.37 2.24 -20.48
N LYS B 174 -0.90 3.21 -21.22
CA LYS B 174 -2.10 2.97 -22.01
C LYS B 174 -1.86 1.93 -23.08
N ASP B 175 -0.71 1.98 -23.73
CA ASP B 175 -0.41 1.08 -24.84
C ASP B 175 -0.09 -0.34 -24.39
N SER B 176 -0.01 -0.58 -23.09
CA SER B 176 0.30 -1.90 -22.55
C SER B 176 -0.92 -2.76 -22.30
N THR B 177 -2.13 -2.20 -22.45
CA THR B 177 -3.33 -2.86 -21.98
C THR B 177 -4.52 -2.47 -22.86
N ARG B 178 -5.54 -3.32 -22.85
CA ARG B 178 -6.81 -2.98 -23.47
C ARG B 178 -7.76 -2.27 -22.53
N ILE B 179 -7.45 -2.22 -21.23
CA ILE B 179 -8.30 -1.54 -20.26
C ILE B 179 -8.22 -0.04 -20.46
N ARG B 180 -9.35 0.63 -20.24
CA ARG B 180 -9.38 2.10 -20.27
C ARG B 180 -8.72 2.66 -19.02
N ILE B 181 -7.63 3.39 -19.22
CA ILE B 181 -6.88 4.00 -18.12
C ILE B 181 -7.42 5.40 -17.89
N THR B 182 -7.58 5.77 -16.62
CA THR B 182 -8.10 7.08 -16.27
C THR B 182 -7.04 7.92 -15.56
N ASP B 183 -7.35 9.21 -15.40
CA ASP B 183 -6.51 10.14 -14.66
C ASP B 183 -6.37 9.76 -13.18
N ASN B 184 -7.22 8.88 -12.66
CA ASN B 184 -7.13 8.44 -11.27
C ASN B 184 -6.21 7.24 -11.11
N MET B 185 -5.47 6.89 -12.16
CA MET B 185 -4.54 5.79 -12.14
C MET B 185 -3.19 6.27 -12.65
N PHE B 186 -2.12 5.65 -12.17
CA PHE B 186 -0.82 5.73 -12.81
C PHE B 186 -0.24 4.33 -12.84
N CYS B 187 0.78 4.12 -13.67
CA CYS B 187 1.41 2.81 -13.73
C CYS B 187 2.90 2.91 -13.46
N ALA B 188 3.47 1.79 -13.00
CA ALA B 188 4.87 1.74 -12.62
C ALA B 188 5.42 0.35 -12.89
N GLY B 189 6.73 0.28 -13.10
CA GLY B 189 7.42 -0.95 -13.40
C GLY B 189 8.48 -0.72 -14.45
N TYR B 190 9.37 -1.69 -14.60
CA TYR B 190 10.42 -1.59 -15.59
C TYR B 190 9.92 -2.06 -16.95
N LYS B 191 10.51 -1.50 -18.00
CA LYS B 191 10.25 -1.94 -19.36
C LYS B 191 11.06 -3.19 -19.69
N PRO B 192 10.62 -3.98 -20.66
CA PRO B 192 11.41 -5.17 -21.03
C PRO B 192 12.88 -4.89 -21.30
N ASP B 193 13.20 -3.77 -21.94
CA ASP B 193 14.58 -3.45 -22.29
C ASP B 193 15.41 -2.96 -21.12
N GLU B 194 14.81 -2.76 -19.94
CA GLU B 194 15.50 -2.10 -18.83
C GLU B 194 16.31 -3.05 -17.96
N GLY B 195 16.17 -4.35 -18.12
CA GLY B 195 17.05 -5.29 -17.44
C GLY B 195 16.90 -5.37 -15.93
N LYS B 196 15.86 -4.79 -15.37
CA LYS B 196 15.45 -5.00 -13.98
C LYS B 196 13.98 -5.35 -14.01
N ARG B 197 13.48 -5.94 -12.92
CA ARG B 197 12.13 -6.46 -12.88
C ARG B 197 11.48 -6.10 -11.56
N GLY B 198 10.26 -6.56 -11.39
CA GLY B 198 9.56 -6.42 -10.11
C GLY B 198 8.13 -5.95 -10.30
N ASP B 199 7.26 -6.37 -9.38
CA ASP B 199 5.84 -6.03 -9.46
C ASP B 199 5.20 -6.43 -8.14
N ALA B 200 4.00 -5.89 -7.92
CA ALA B 200 3.11 -6.44 -6.92
C ALA B 200 2.52 -7.75 -7.44
N CYS B 201 1.91 -8.50 -6.53
CA CYS B 201 1.22 -9.74 -6.92
C CYS B 201 0.13 -10.03 -5.89
N GLU B 202 -0.53 -11.17 -6.03
CA GLU B 202 -1.73 -11.48 -5.27
C GLU B 202 -1.46 -11.42 -3.77
N GLY B 203 -2.24 -10.59 -3.07
CA GLY B 203 -2.05 -10.33 -1.66
C GLY B 203 -1.43 -8.97 -1.35
N ASP B 204 -0.82 -8.34 -2.34
CA ASP B 204 -0.23 -7.02 -2.17
C ASP B 204 -1.21 -5.88 -2.44
N SER B 205 -2.31 -6.13 -3.13
CA SER B 205 -3.19 -5.04 -3.51
C SER B 205 -3.77 -4.39 -2.25
N GLY B 206 -4.09 -3.11 -2.39
CA GLY B 206 -4.46 -2.27 -1.27
C GLY B 206 -3.29 -1.64 -0.52
N GLY B 207 -2.08 -2.17 -0.68
CA GLY B 207 -0.92 -1.63 -0.02
C GLY B 207 -0.38 -0.38 -0.70
N PRO B 208 0.65 0.20 -0.10
CA PRO B 208 1.09 1.54 -0.52
C PRO B 208 2.22 1.55 -1.54
N PHE B 209 2.18 2.56 -2.42
CA PHE B 209 3.29 2.96 -3.28
C PHE B 209 3.76 4.28 -2.69
N VAL B 210 4.98 4.30 -2.14
CA VAL B 210 5.48 5.45 -1.40
C VAL B 210 6.71 6.03 -2.08
N MET B 211 6.91 7.33 -1.84
CA MET B 211 8.07 8.06 -2.34
C MET B 211 8.63 8.90 -1.21
N LYS B 212 9.95 9.03 -1.14
CA LYS B 212 10.58 9.84 -0.10
C LYS B 212 10.90 11.20 -0.69
N SER B 213 10.21 12.23 -0.19
CA SER B 213 10.41 13.56 -0.73
C SER B 213 11.86 14.01 -0.50
N PRO B 214 12.56 14.46 -1.54
CA PRO B 214 13.91 15.01 -1.34
C PRO B 214 13.90 16.42 -0.79
N PHE B 215 12.73 17.03 -0.69
CA PHE B 215 12.59 18.38 -0.16
C PHE B 215 12.53 18.40 1.36
N ASN B 216 11.78 17.48 1.96
CA ASN B 216 11.61 17.46 3.41
C ASN B 216 11.92 16.11 4.05
N ASN B 217 12.39 15.14 3.27
CA ASN B 217 12.85 13.84 3.77
C ASN B 217 11.77 13.05 4.47
N ARG B 218 10.51 13.26 4.08
CA ARG B 218 9.38 12.50 4.58
C ARG B 218 8.83 11.57 3.51
N TRP B 219 8.29 10.44 3.95
CA TRP B 219 7.63 9.48 3.07
C TRP B 219 6.16 9.84 2.83
N TYR B 220 5.79 9.84 1.56
CA TYR B 220 4.44 10.16 1.09
C TYR B 220 3.88 8.98 0.34
N GLN B 221 2.60 8.68 0.59
CA GLN B 221 1.91 7.63 -0.16
C GLN B 221 1.30 8.25 -1.42
N MET B 222 1.90 7.96 -2.56
CA MET B 222 1.43 8.48 -3.83
C MET B 222 0.42 7.55 -4.49
N GLY B 223 0.49 6.25 -4.21
CA GLY B 223 -0.38 5.30 -4.89
C GLY B 223 -0.86 4.22 -3.94
N ILE B 224 -1.89 3.52 -4.41
CA ILE B 224 -2.39 2.30 -3.80
C ILE B 224 -2.29 1.20 -4.84
N VAL B 225 -1.73 0.05 -4.46
CA VAL B 225 -1.69 -1.10 -5.38
C VAL B 225 -3.12 -1.44 -5.78
N SER B 226 -3.42 -1.29 -7.07
CA SER B 226 -4.79 -1.43 -7.57
C SER B 226 -4.98 -2.66 -8.44
N TRP B 227 -4.30 -2.76 -9.58
CA TRP B 227 -4.53 -3.92 -10.43
C TRP B 227 -3.34 -4.14 -11.35
N GLY B 228 -3.29 -5.32 -11.91
CA GLY B 228 -2.31 -5.70 -12.86
C GLY B 228 -2.83 -6.88 -13.71
N GLU B 229 -2.15 -7.11 -14.81
CA GLU B 229 -2.50 -8.22 -15.69
C GLU B 229 -1.39 -9.25 -15.51
N GLY B 230 -1.62 -10.20 -14.66
CA GLY B 230 -0.61 -11.14 -14.27
C GLY B 230 0.27 -10.47 -13.20
N CYS B 231 1.46 -10.96 -12.98
CA CYS B 231 2.44 -10.31 -12.11
C CYS B 231 3.80 -10.34 -12.79
N ASP B 232 4.45 -9.19 -12.87
CA ASP B 232 5.81 -9.07 -13.39
C ASP B 232 5.94 -9.63 -14.81
N ARG B 233 4.92 -9.42 -15.63
CA ARG B 233 4.99 -9.84 -17.02
C ARG B 233 5.72 -8.79 -17.86
N ASP B 234 6.55 -9.25 -18.80
CA ASP B 234 7.23 -8.33 -19.70
C ASP B 234 6.19 -7.55 -20.50
N GLY B 235 6.36 -6.23 -20.56
CA GLY B 235 5.46 -5.38 -21.31
C GLY B 235 4.18 -5.02 -20.60
N LYS B 236 3.94 -5.55 -19.40
CA LYS B 236 2.84 -5.14 -18.55
C LYS B 236 3.38 -4.30 -17.42
N TYR B 237 2.49 -3.55 -16.78
CA TYR B 237 2.84 -2.64 -15.69
C TYR B 237 1.81 -2.79 -14.59
N GLY B 238 2.23 -2.46 -13.37
CA GLY B 238 1.27 -2.37 -12.28
C GLY B 238 0.54 -1.03 -12.32
N PHE B 239 -0.73 -1.06 -12.00
CA PHE B 239 -1.56 0.13 -11.96
C PHE B 239 -1.92 0.47 -10.52
N TYR B 240 -1.85 1.75 -10.22
CA TYR B 240 -1.96 2.29 -8.87
C TYR B 240 -3.01 3.39 -8.84
N THR B 241 -3.81 3.39 -7.79
CA THR B 241 -4.70 4.52 -7.52
C THR B 241 -3.89 5.76 -7.23
N HIS B 242 -4.26 6.86 -7.89
CA HIS B 242 -3.60 8.16 -7.77
C HIS B 242 -4.15 8.85 -6.52
N VAL B 243 -3.41 8.73 -5.41
CA VAL B 243 -3.92 9.15 -4.11
C VAL B 243 -4.23 10.65 -4.11
N PHE B 244 -3.32 11.46 -4.63
CA PHE B 244 -3.57 12.89 -4.60
C PHE B 244 -4.86 13.27 -5.32
N ARG B 245 -5.14 12.66 -6.47
CA ARG B 245 -6.33 13.01 -7.22
C ARG B 245 -7.59 12.74 -6.43
N LEU B 246 -7.54 11.82 -5.46
CA LEU B 246 -8.71 11.47 -4.66
C LEU B 246 -8.62 12.03 -3.25
N LYS B 247 -7.70 12.97 -3.01
CA LYS B 247 -7.48 13.41 -1.64
C LYS B 247 -8.63 14.26 -1.11
N LYS B 248 -9.34 14.98 -1.98
CA LYS B 248 -10.49 15.74 -1.49
C LYS B 248 -11.55 14.81 -0.90
N TRP B 249 -11.74 13.63 -1.49
CA TRP B 249 -12.66 12.66 -0.91
C TRP B 249 -12.16 12.16 0.43
N ILE B 250 -10.87 11.82 0.51
CA ILE B 250 -10.27 11.39 1.78
C ILE B 250 -10.53 12.42 2.86
N GLN B 251 -10.22 13.69 2.56
CA GLN B 251 -10.40 14.76 3.54
C GLN B 251 -11.86 14.91 3.93
N LYS B 252 -12.77 14.81 2.96
CA LYS B 252 -14.20 14.90 3.26
C LYS B 252 -14.62 13.83 4.25
N VAL B 253 -14.16 12.58 4.04
CA VAL B 253 -14.54 11.49 4.92
C VAL B 253 -13.99 11.72 6.33
N ILE B 254 -12.72 12.06 6.43
CA ILE B 254 -12.12 12.24 7.75
C ILE B 254 -12.75 13.43 8.47
N ASP B 255 -12.98 14.53 7.75
CA ASP B 255 -13.59 15.71 8.37
C ASP B 255 -15.00 15.40 8.88
N GLN B 256 -15.79 14.66 8.10
CA GLN B 256 -17.17 14.36 8.48
C GLN B 256 -17.23 13.34 9.61
N PHE B 257 -16.40 12.30 9.52
CA PHE B 257 -16.52 11.14 10.38
C PHE B 257 -15.33 11.02 11.32
N ASP C 2 -0.66 -21.04 6.38
CA ASP C 2 -0.42 -21.49 7.74
C ASP C 2 -0.15 -20.30 8.67
N PHE C 3 -1.21 -19.59 9.04
CA PHE C 3 -1.11 -18.48 9.98
C PHE C 3 -1.18 -18.98 11.41
N GLU C 4 -0.32 -18.41 12.26
CA GLU C 4 -0.39 -18.68 13.69
C GLU C 4 -1.67 -18.08 14.26
N GLU C 5 -2.32 -18.82 15.16
CA GLU C 5 -3.56 -18.36 15.77
C GLU C 5 -3.32 -17.03 16.46
N ILE C 6 -4.26 -16.10 16.31
CA ILE C 6 -4.15 -14.83 17.03
C ILE C 6 -4.88 -14.95 18.36
N PRO C 7 -4.56 -14.12 19.34
CA PRO C 7 -5.27 -14.18 20.63
C PRO C 7 -6.78 -14.08 20.45
N GLU C 8 -7.51 -14.86 21.26
CA GLU C 8 -8.96 -14.93 21.14
C GLU C 8 -9.61 -13.57 21.37
N GLU C 9 -8.99 -12.71 22.16
CA GLU C 9 -9.57 -11.40 22.47
C GLU C 9 -9.89 -10.58 21.20
N TYS C 10 -9.13 -10.78 20.13
CA TYS C 10 -9.37 -9.99 18.93
CB TYS C 10 -8.12 -9.96 18.05
CG TYS C 10 -6.99 -9.36 18.85
CD1 TYS C 10 -5.87 -10.14 19.14
CD2 TYS C 10 -7.06 -8.04 19.27
CE1 TYS C 10 -4.83 -9.59 19.87
CE2 TYS C 10 -6.01 -7.49 20.00
CZ TYS C 10 -4.89 -8.27 20.29
OH TYS C 10 -3.84 -7.75 21.00
S TYS C 10 -2.69 -7.01 20.32
O1 TYS C 10 -1.74 -6.75 21.36
O2 TYS C 10 -2.11 -7.81 19.27
O3 TYS C 10 -3.32 -5.62 19.75
C TYS C 10 -10.49 -10.54 18.10
O TYS C 10 -10.95 -9.88 17.14
H TYS C 10 -8.49 -11.34 20.12
HA TYS C 10 -9.60 -9.10 19.22
HB2 TYS C 10 -8.29 -9.44 17.25
HB3 TYS C 10 -7.88 -10.86 17.77
HD1 TYS C 10 -5.82 -11.01 18.85
HD2 TYS C 10 -7.80 -7.53 19.07
HE1 TYS C 10 -4.08 -10.11 20.07
HE2 TYS C 10 -6.06 -6.62 20.30
HO3 TYS C 10 -3.02 -4.88 20.02
N LEU C 11 -10.94 -11.74 18.44
CA LEU C 11 -12.06 -12.36 17.75
C LEU C 11 -13.28 -12.36 18.67
NA NA D . 6.20 -5.84 -16.29
NA NA E . -4.41 0.44 -24.89
S DMS F . 2.18 10.01 -13.97
O DMS F . 1.10 9.19 -14.58
C1 DMS F . 3.48 10.18 -15.23
C2 DMS F . 1.59 11.74 -13.94
S DMS G . 8.51 21.46 -2.99
O DMS G . 9.13 22.00 -4.24
C1 DMS G . 7.22 22.57 -2.42
C2 DMS G . 7.49 20.01 -3.36
P PO4 H . -16.23 6.33 -14.61
O1 PO4 H . -16.84 6.19 -13.23
O2 PO4 H . -14.88 5.63 -14.62
O3 PO4 H . -17.14 5.71 -15.64
O4 PO4 H . -16.03 7.80 -14.93
O12 08D I . -2.26 -10.11 -7.94
S10 08D I . -2.99 -8.88 -7.95
O11 08D I . -3.67 -8.42 -6.78
C4 08D I . -1.91 -7.61 -8.52
C3 08D I . -2.20 -6.28 -8.24
C2 08D I . -1.42 -5.29 -8.79
C5 08D I . -0.84 -7.95 -9.33
C6 08D I . -0.06 -6.94 -9.87
C1 08D I . -0.33 -5.60 -9.61
N7 08D I . 0.48 -4.61 -10.11
N13 08D I . -4.08 -9.00 -9.18
C15 08D I . -5.17 -8.18 -9.27
N19 08D I . -5.56 -7.85 -10.48
O18 08D I . -6.54 -6.85 -10.29
C17 08D I . -6.68 -6.63 -8.96
C16 08D I . -5.82 -7.41 -8.29
C20 08D I . -7.74 -5.68 -8.56
C1 NAG J . -22.61 -4.68 -0.02
C2 NAG J . -23.86 -4.54 -0.88
C3 NAG J . -24.77 -3.43 -0.34
C4 NAG J . -25.02 -3.62 1.14
C5 NAG J . -23.72 -3.86 1.92
C6 NAG J . -23.97 -4.25 3.35
C7 NAG J . -23.43 -5.24 -3.19
C8 NAG J . -23.70 -6.63 -2.71
N2 NAG J . -23.51 -4.27 -2.28
O3 NAG J . -26.01 -3.49 -1.05
O4 NAG J . -25.66 -2.45 1.66
O5 NAG J . -22.99 -4.94 1.32
O6 NAG J . -24.66 -5.50 3.41
O7 NAG J . -23.14 -5.00 -4.37
#